data_9G6Z
#
_entry.id   9G6Z
#
_cell.length_a   59.150
_cell.length_b   69.202
_cell.length_c   60.946
_cell.angle_alpha   90.000
_cell.angle_beta   91.473
_cell.angle_gamma   90.000
#
_symmetry.space_group_name_H-M   'C 1 2 1'
#
loop_
_entity.id
_entity.type
_entity.pdbx_description
1 polymer 'Embryonic developmental protein tofu-6'
2 polymer 'Protein tofu-1'
3 non-polymer GLYCEROL
4 water water
#
loop_
_entity_poly.entity_id
_entity_poly.type
_entity_poly.pdbx_seq_one_letter_code
_entity_poly.pdbx_strand_id
1 'polypeptide(L)'
;GPDSMVLLSSSWLPLNKDIEVEVVDYLPSSSVAPDLFALTLLRINDSSMKEKYDSMHEKMNAYAQIVPFDSELEIGYDGV
FRDAPRSVRRVRRISATKLYLVDFGKIINYEKAKCFQLPKVFQSMPTRVSLCGLDGLTWSPVAIPSFDNIREVVKKWGQM
ENSTLHAMACGFQGSINMINLFCGKSILADRLQRKGVCEYL
;
A
2 'polypeptide(L)' GPDSMEVEESLLDALLGKALAGDQMNSRIEGLFEDLD B
#
# COMPACT_ATOMS: atom_id res chain seq x y z
N PRO A 2 -25.65 13.79 7.64
CA PRO A 2 -24.99 13.09 6.53
C PRO A 2 -23.96 12.06 7.01
N ASP A 3 -23.52 11.18 6.13
CA ASP A 3 -22.51 10.20 6.51
C ASP A 3 -21.19 10.89 6.79
N SER A 4 -20.49 10.42 7.82
CA SER A 4 -19.16 10.92 8.14
C SER A 4 -18.15 10.38 7.13
N MET A 5 -17.34 11.27 6.56
CA MET A 5 -16.36 10.89 5.55
C MET A 5 -15.06 10.57 6.26
N VAL A 6 -14.67 9.29 6.23
CA VAL A 6 -13.55 8.78 7.02
C VAL A 6 -12.37 8.53 6.09
N LEU A 7 -11.19 8.94 6.54
CA LEU A 7 -9.96 8.71 5.78
C LEU A 7 -8.87 8.31 6.79
N LEU A 8 -8.62 7.01 6.89
CA LEU A 8 -7.57 6.51 7.78
C LEU A 8 -6.20 6.99 7.33
N SER A 9 -5.38 7.38 8.29
CA SER A 9 -3.96 7.55 8.00
C SER A 9 -3.33 6.17 7.80
N SER A 10 -2.09 6.16 7.32
CA SER A 10 -1.40 4.93 6.98
C SER A 10 -0.19 4.72 7.89
N SER A 11 0.26 3.48 7.95
CA SER A 11 1.32 3.10 8.87
C SER A 11 2.65 3.71 8.45
N TRP A 12 3.37 4.26 9.43
CA TRP A 12 4.69 4.81 9.21
C TRP A 12 5.74 3.71 9.31
N LEU A 13 6.77 3.84 8.51
CA LEU A 13 7.91 2.94 8.63
C LEU A 13 9.00 3.58 9.48
N PRO A 14 9.77 2.78 10.23
CA PRO A 14 10.75 3.35 11.19
C PRO A 14 11.98 3.87 10.46
N LEU A 15 12.38 5.08 10.83
CA LEU A 15 13.46 5.76 10.12
C LEU A 15 14.76 4.97 10.27
N ASN A 16 15.42 4.71 9.15
CA ASN A 16 16.74 4.10 9.09
C ASN A 16 16.78 2.73 9.74
N LYS A 17 15.65 2.05 9.82
CA LYS A 17 15.55 0.73 10.42
C LYS A 17 15.14 -0.26 9.35
N ASP A 18 15.90 -1.35 9.23
CA ASP A 18 15.58 -2.41 8.28
C ASP A 18 14.31 -3.13 8.71
N ILE A 19 13.39 -3.32 7.78
CA ILE A 19 12.16 -4.05 8.02
C ILE A 19 11.93 -5.03 6.87
N GLU A 20 11.16 -6.07 7.15
CA GLU A 20 10.69 -6.99 6.13
C GLU A 20 9.35 -6.50 5.61
N VAL A 21 9.17 -6.56 4.30
CA VAL A 21 7.99 -6.00 3.66
C VAL A 21 7.54 -6.89 2.52
N GLU A 22 6.24 -6.90 2.29
CA GLU A 22 5.66 -7.42 1.06
C GLU A 22 5.20 -6.23 0.23
N VAL A 23 5.54 -6.25 -1.06
CA VAL A 23 4.98 -5.29 -2.01
C VAL A 23 3.56 -5.73 -2.35
N VAL A 24 2.58 -4.87 -2.07
CA VAL A 24 1.18 -5.20 -2.27
C VAL A 24 0.57 -4.36 -3.37
N ASP A 25 -0.75 -4.43 -3.51
CA ASP A 25 -1.44 -3.65 -4.53
C ASP A 25 -1.27 -2.16 -4.28
N TYR A 26 -1.24 -1.39 -5.35
CA TYR A 26 -0.96 0.03 -5.24
C TYR A 26 -2.17 0.76 -4.69
N LEU A 27 -1.99 1.44 -3.56
CA LEU A 27 -2.99 2.31 -2.98
C LEU A 27 -2.70 3.74 -3.37
N PRO A 28 -3.51 4.38 -4.22
CA PRO A 28 -3.19 5.75 -4.66
C PRO A 28 -3.36 6.77 -3.55
N SER A 29 -2.53 7.80 -3.60
CA SER A 29 -2.53 8.87 -2.61
C SER A 29 -2.41 10.21 -3.31
N SER A 30 -3.17 11.19 -2.84
CA SER A 30 -3.02 12.55 -3.35
C SER A 30 -1.67 13.17 -2.99
N SER A 31 -0.83 12.48 -2.22
CA SER A 31 0.43 13.02 -1.74
C SER A 31 1.63 12.57 -2.58
N VAL A 32 1.40 11.96 -3.73
CA VAL A 32 2.45 11.50 -4.62
C VAL A 32 2.52 12.43 -5.82
N ALA A 33 3.72 12.94 -6.10
CA ALA A 33 3.93 13.74 -7.30
C ALA A 33 3.86 12.85 -8.54
N PRO A 34 3.42 13.40 -9.68
CA PRO A 34 3.43 12.62 -10.92
C PRO A 34 4.75 11.94 -11.22
N ASP A 35 5.88 12.53 -10.85
CA ASP A 35 7.18 11.98 -11.21
C ASP A 35 7.84 11.23 -10.05
N LEU A 36 7.13 10.99 -8.96
CA LEU A 36 7.61 10.14 -7.89
C LEU A 36 7.12 8.71 -8.15
N PHE A 37 8.05 7.76 -8.19
CA PHE A 37 7.67 6.36 -8.30
C PHE A 37 7.17 5.91 -6.93
N ALA A 38 5.85 5.79 -6.80
CA ALA A 38 5.22 5.39 -5.56
C ALA A 38 4.94 3.89 -5.57
N LEU A 39 4.85 3.31 -4.38
CA LEU A 39 4.46 1.92 -4.24
C LEU A 39 3.93 1.73 -2.83
N THR A 40 3.17 0.65 -2.64
CA THR A 40 2.57 0.32 -1.36
C THR A 40 3.27 -0.90 -0.77
N LEU A 41 3.74 -0.77 0.45
CA LEU A 41 4.40 -1.86 1.17
C LEU A 41 3.54 -2.27 2.36
N LEU A 42 3.58 -3.55 2.68
CA LEU A 42 2.97 -4.11 3.89
C LEU A 42 4.08 -4.74 4.71
N ARG A 43 4.46 -4.08 5.80
CA ARG A 43 5.45 -4.64 6.70
C ARG A 43 4.94 -5.95 7.30
N ILE A 44 5.78 -6.98 7.30
CA ILE A 44 5.40 -8.29 7.79
C ILE A 44 6.30 -8.66 8.96
N ASN A 45 5.86 -9.67 9.71
CA ASN A 45 6.61 -10.19 10.84
C ASN A 45 6.86 -9.09 11.89
N ASP A 46 5.91 -8.17 12.03
CA ASP A 46 5.96 -7.14 13.06
C ASP A 46 5.01 -7.54 14.19
N SER A 47 5.58 -8.16 15.23
CA SER A 47 4.75 -8.69 16.31
C SER A 47 4.08 -7.59 17.12
N SER A 48 4.71 -6.42 17.26
CA SER A 48 4.14 -5.37 18.07
C SER A 48 2.73 -5.02 17.62
N MET A 49 2.54 -4.83 16.31
CA MET A 49 1.23 -4.47 15.78
C MET A 49 0.36 -5.68 15.46
N LYS A 50 0.94 -6.88 15.39
CA LYS A 50 0.17 -8.05 14.97
C LYS A 50 -1.02 -8.28 15.89
N GLU A 51 -0.77 -8.32 17.20
CA GLU A 51 -1.87 -8.57 18.14
C GLU A 51 -2.90 -7.45 18.08
N LYS A 52 -2.47 -6.23 17.78
CA LYS A 52 -3.43 -5.12 17.70
C LYS A 52 -4.33 -5.26 16.49
N TYR A 53 -3.75 -5.57 15.31
CA TYR A 53 -4.57 -5.74 14.12
C TYR A 53 -5.44 -7.00 14.23
N ASP A 54 -4.86 -8.11 14.70
CA ASP A 54 -5.66 -9.32 14.90
C ASP A 54 -6.81 -9.06 15.87
N SER A 55 -6.55 -8.33 16.95
CA SER A 55 -7.62 -8.02 17.88
C SER A 55 -8.69 -7.15 17.23
N MET A 56 -8.28 -6.16 16.42
CA MET A 56 -9.24 -5.33 15.73
C MET A 56 -10.17 -6.17 14.85
N HIS A 57 -9.61 -7.10 14.08
CA HIS A 57 -10.44 -7.90 13.18
C HIS A 57 -11.37 -8.82 13.96
N GLU A 58 -10.94 -9.32 15.12
CA GLU A 58 -11.84 -10.13 15.94
C GLU A 58 -13.04 -9.31 16.38
N LYS A 59 -12.81 -8.09 16.88
CA LYS A 59 -13.91 -7.25 17.32
C LYS A 59 -14.78 -6.81 16.15
N MET A 60 -14.17 -6.52 15.00
CA MET A 60 -14.96 -6.08 13.85
C MET A 60 -15.90 -7.18 13.39
N ASN A 61 -15.43 -8.42 13.34
CA ASN A 61 -16.30 -9.53 12.96
C ASN A 61 -17.43 -9.73 13.95
N ALA A 62 -17.18 -9.45 15.23
CA ALA A 62 -18.18 -9.63 16.27
C ALA A 62 -19.04 -8.38 16.48
N TYR A 63 -18.76 -7.29 15.77
CA TYR A 63 -19.42 -6.03 16.04
C TYR A 63 -20.89 -6.10 15.67
N ALA A 64 -21.75 -5.63 16.58
CA ALA A 64 -23.19 -5.72 16.38
C ALA A 64 -23.71 -4.57 15.51
N GLN A 65 -23.21 -3.36 15.73
CA GLN A 65 -23.82 -2.16 15.17
C GLN A 65 -23.08 -1.68 13.93
N ILE A 66 -23.03 -2.54 12.91
CA ILE A 66 -22.56 -2.13 11.60
C ILE A 66 -23.74 -1.43 10.91
N VAL A 67 -23.59 -0.14 10.65
CA VAL A 67 -24.68 0.66 10.09
C VAL A 67 -24.37 0.92 8.62
N PRO A 68 -25.37 0.94 7.76
CA PRO A 68 -25.13 1.24 6.34
C PRO A 68 -24.99 2.74 6.10
N PHE A 69 -24.49 3.07 4.91
CA PHE A 69 -24.47 4.45 4.47
C PHE A 69 -25.88 4.92 4.11
N ASP A 70 -26.23 6.13 4.54
CA ASP A 70 -27.42 6.78 4.01
C ASP A 70 -27.38 6.79 2.49
N SER A 71 -26.23 7.20 1.93
CA SER A 71 -26.03 7.27 0.49
C SER A 71 -25.10 6.14 0.10
N GLU A 72 -23.80 6.37 -0.02
CA GLU A 72 -22.86 5.30 -0.28
C GLU A 72 -21.45 5.80 0.04
N LEU A 73 -20.53 4.86 0.15
CA LEU A 73 -19.13 5.19 0.39
C LEU A 73 -18.61 6.07 -0.73
N GLU A 74 -18.15 7.28 -0.38
CA GLU A 74 -17.62 8.19 -1.38
CA GLU A 74 -17.62 8.20 -1.37
C GLU A 74 -16.24 7.73 -1.84
N ILE A 75 -15.93 8.05 -3.10
CA ILE A 75 -14.64 7.67 -3.68
C ILE A 75 -13.52 8.37 -2.93
N GLY A 76 -12.48 7.62 -2.60
CA GLY A 76 -11.36 8.13 -1.86
C GLY A 76 -11.44 7.99 -0.36
N TYR A 77 -12.54 7.44 0.17
CA TYR A 77 -12.80 7.42 1.60
C TYR A 77 -13.11 5.99 2.06
N ASP A 78 -13.24 5.85 3.37
CA ASP A 78 -13.14 4.54 4.03
C ASP A 78 -14.45 4.07 4.66
N GLY A 79 -14.61 2.76 4.67
CA GLY A 79 -15.71 2.11 5.37
C GLY A 79 -15.27 0.67 5.66
N VAL A 80 -16.26 -0.23 5.74
CA VAL A 80 -15.99 -1.64 5.90
C VAL A 80 -16.64 -2.43 4.78
N PHE A 81 -16.08 -3.60 4.49
CA PHE A 81 -16.62 -4.54 3.51
C PHE A 81 -16.96 -5.83 4.23
N ARG A 82 -18.20 -6.27 4.09
CA ARG A 82 -18.69 -7.48 4.74
C ARG A 82 -19.02 -8.51 3.66
N ASP A 83 -18.11 -9.48 3.47
CA ASP A 83 -18.32 -10.51 2.47
C ASP A 83 -19.15 -11.67 3.00
N ALA A 84 -19.38 -11.73 4.31
CA ALA A 84 -20.20 -12.76 4.93
C ALA A 84 -20.44 -12.35 6.38
N PRO A 85 -21.46 -12.92 7.02
CA PRO A 85 -21.66 -12.64 8.45
C PRO A 85 -20.37 -12.87 9.23
N ARG A 86 -20.06 -11.92 10.12
CA ARG A 86 -18.87 -12.01 10.96
C ARG A 86 -17.59 -12.14 10.12
N SER A 87 -17.57 -11.48 8.97
CA SER A 87 -16.36 -11.33 8.16
C SER A 87 -16.36 -9.88 7.69
N VAL A 88 -15.59 -9.04 8.39
CA VAL A 88 -15.64 -7.59 8.23
C VAL A 88 -14.21 -7.08 8.16
N ARG A 89 -13.90 -6.30 7.11
CA ARG A 89 -12.57 -5.76 6.90
C ARG A 89 -12.69 -4.30 6.48
N ARG A 90 -11.64 -3.53 6.74
CA ARG A 90 -11.66 -2.10 6.45
C ARG A 90 -11.23 -1.85 5.00
N VAL A 91 -11.96 -0.96 4.33
CA VAL A 91 -11.73 -0.71 2.92
C VAL A 91 -11.70 0.79 2.63
N ARG A 92 -11.01 1.12 1.54
CA ARG A 92 -11.06 2.43 0.92
C ARG A 92 -11.63 2.27 -0.48
N ARG A 93 -12.59 3.11 -0.85
CA ARG A 93 -13.07 3.14 -2.22
C ARG A 93 -12.09 3.97 -3.04
N ILE A 94 -11.13 3.31 -3.68
CA ILE A 94 -10.11 4.03 -4.43
C ILE A 94 -10.60 4.48 -5.80
N SER A 95 -11.68 3.88 -6.30
CA SER A 95 -12.28 4.28 -7.57
C SER A 95 -13.74 3.83 -7.56
N ALA A 96 -14.44 4.13 -8.64
CA ALA A 96 -15.87 3.85 -8.70
C ALA A 96 -16.16 2.35 -8.57
N THR A 97 -15.31 1.51 -9.18
CA THR A 97 -15.55 0.08 -9.19
C THR A 97 -14.62 -0.75 -8.31
N LYS A 98 -13.75 -0.12 -7.52
CA LYS A 98 -12.76 -0.85 -6.74
C LYS A 98 -12.70 -0.41 -5.29
N LEU A 99 -12.63 -1.39 -4.40
CA LEU A 99 -12.30 -1.18 -3.00
C LEU A 99 -10.88 -1.66 -2.74
N TYR A 100 -10.23 -1.08 -1.74
CA TYR A 100 -8.89 -1.46 -1.32
C TYR A 100 -8.93 -1.91 0.13
N LEU A 101 -8.54 -3.16 0.38
CA LEU A 101 -8.48 -3.70 1.75
C LEU A 101 -7.22 -3.15 2.42
N VAL A 102 -7.40 -2.05 3.17
CA VAL A 102 -6.29 -1.25 3.62
C VAL A 102 -5.38 -1.96 4.62
N ASP A 103 -5.85 -3.04 5.23
CA ASP A 103 -5.03 -3.81 6.16
C ASP A 103 -4.49 -5.09 5.55
N PHE A 104 -4.72 -5.33 4.27
CA PHE A 104 -4.23 -6.51 3.59
C PHE A 104 -3.49 -6.22 2.29
N GLY A 105 -3.68 -5.04 1.70
CA GLY A 105 -3.02 -4.72 0.45
C GLY A 105 -3.63 -5.33 -0.78
N LYS A 106 -4.95 -5.55 -0.78
CA LYS A 106 -5.63 -6.21 -1.88
C LYS A 106 -6.77 -5.36 -2.42
N ILE A 107 -6.83 -5.22 -3.74
CA ILE A 107 -7.94 -4.55 -4.40
C ILE A 107 -9.02 -5.57 -4.72
N ILE A 108 -10.26 -5.21 -4.42
CA ILE A 108 -11.42 -6.05 -4.71
C ILE A 108 -12.50 -5.17 -5.35
N ASN A 109 -13.50 -5.82 -5.92
CA ASN A 109 -14.57 -5.11 -6.60
C ASN A 109 -15.47 -4.41 -5.59
N TYR A 110 -15.90 -3.20 -5.95
CA TYR A 110 -16.87 -2.47 -5.13
C TYR A 110 -18.23 -3.17 -5.22
N GLU A 111 -18.78 -3.55 -4.07
CA GLU A 111 -20.12 -4.12 -3.98
C GLU A 111 -20.95 -3.24 -3.05
N LYS A 112 -21.85 -2.45 -3.64
CA LYS A 112 -22.63 -1.48 -2.88
C LYS A 112 -23.31 -2.10 -1.68
N ALA A 113 -23.85 -3.31 -1.85
CA ALA A 113 -24.63 -3.92 -0.78
C ALA A 113 -23.78 -4.46 0.36
N LYS A 114 -22.49 -4.69 0.11
CA LYS A 114 -21.59 -5.25 1.10
C LYS A 114 -20.74 -4.19 1.79
N CYS A 115 -21.01 -2.91 1.54
CA CYS A 115 -20.24 -1.81 2.10
C CYS A 115 -21.04 -1.12 3.20
N PHE A 116 -20.41 -0.89 4.34
CA PHE A 116 -21.04 -0.24 5.48
C PHE A 116 -20.06 0.78 6.05
N GLN A 117 -20.56 1.60 6.97
CA GLN A 117 -19.72 2.61 7.58
C GLN A 117 -18.70 1.98 8.53
N LEU A 118 -17.56 2.63 8.66
CA LEU A 118 -16.53 2.20 9.59
C LEU A 118 -16.80 2.80 10.95
N PRO A 119 -17.11 2.00 11.98
CA PRO A 119 -17.40 2.59 13.30
C PRO A 119 -16.19 3.32 13.86
N LYS A 120 -16.48 4.35 14.66
CA LYS A 120 -15.41 5.20 15.20
C LYS A 120 -14.37 4.37 15.95
N VAL A 121 -14.81 3.36 16.69
CA VAL A 121 -13.89 2.58 17.52
C VAL A 121 -12.83 1.87 16.69
N PHE A 122 -13.07 1.71 15.38
CA PHE A 122 -12.13 1.04 14.49
C PHE A 122 -11.40 2.02 13.58
N GLN A 123 -11.44 3.32 13.90
CA GLN A 123 -10.72 4.34 13.15
C GLN A 123 -9.40 4.74 13.80
N SER A 124 -9.02 4.08 14.89
CA SER A 124 -7.82 4.45 15.64
C SER A 124 -6.56 3.81 15.08
N MET A 125 -6.66 2.62 14.50
CA MET A 125 -5.49 1.98 13.91
C MET A 125 -5.26 2.53 12.51
N PRO A 126 -4.02 2.92 12.17
CA PRO A 126 -3.73 3.29 10.78
C PRO A 126 -3.93 2.10 9.87
N THR A 127 -4.04 2.38 8.57
CA THR A 127 -4.01 1.29 7.59
C THR A 127 -2.74 0.48 7.82
N ARG A 128 -2.87 -0.84 7.77
CA ARG A 128 -1.69 -1.68 7.93
C ARG A 128 -0.69 -1.41 6.81
N VAL A 129 -1.18 -1.16 5.59
CA VAL A 129 -0.28 -0.84 4.49
C VAL A 129 0.34 0.53 4.72
N SER A 130 1.48 0.75 4.06
CA SER A 130 2.26 1.97 4.17
C SER A 130 2.37 2.63 2.81
N LEU A 131 2.04 3.92 2.73
CA LEU A 131 2.23 4.69 1.52
C LEU A 131 3.71 5.02 1.35
N CYS A 132 4.28 4.66 0.21
CA CYS A 132 5.71 4.75 0.05
C CYS A 132 6.07 5.37 -1.30
N GLY A 133 7.30 5.86 -1.36
CA GLY A 133 7.86 6.36 -2.60
C GLY A 133 9.33 6.04 -2.67
N LEU A 134 9.81 5.76 -3.87
CA LEU A 134 11.20 5.37 -4.08
C LEU A 134 12.08 6.62 -3.98
N ASP A 135 12.96 6.63 -2.99
CA ASP A 135 13.70 7.80 -2.59
C ASP A 135 14.92 8.01 -3.47
N GLY A 136 15.29 9.29 -3.63
CA GLY A 136 16.57 9.67 -4.19
C GLY A 136 16.68 9.72 -5.69
N LEU A 137 15.57 9.87 -6.42
CA LEU A 137 15.58 9.70 -7.86
C LEU A 137 14.91 10.84 -8.59
N THR A 138 15.46 11.16 -9.77
CA THR A 138 14.84 12.05 -10.75
C THR A 138 14.58 11.23 -12.00
N TRP A 139 13.31 11.00 -12.30
CA TRP A 139 12.95 10.08 -13.38
C TRP A 139 12.98 10.79 -14.74
N SER A 140 13.44 10.05 -15.75
CA SER A 140 13.31 10.54 -17.13
C SER A 140 11.83 10.65 -17.49
N PRO A 141 11.40 11.78 -18.07
CA PRO A 141 9.96 11.90 -18.39
C PRO A 141 9.44 10.79 -19.29
N VAL A 142 10.27 10.25 -20.19
CA VAL A 142 9.82 9.18 -21.06
C VAL A 142 9.52 7.90 -20.28
N ALA A 143 10.11 7.75 -19.09
CA ALA A 143 9.94 6.53 -18.31
C ALA A 143 8.70 6.56 -17.42
N ILE A 144 8.25 7.74 -17.02
CA ILE A 144 7.15 7.88 -16.07
C ILE A 144 5.93 7.08 -16.51
N PRO A 145 5.61 7.00 -17.80
CA PRO A 145 4.48 6.14 -18.21
C PRO A 145 4.68 4.67 -17.85
N SER A 146 5.91 4.24 -17.59
CA SER A 146 6.17 2.84 -17.25
C SER A 146 5.97 2.51 -15.76
N PHE A 147 5.57 3.48 -14.95
CA PHE A 147 5.52 3.26 -13.50
C PHE A 147 4.64 2.05 -13.15
N ASP A 148 3.47 1.91 -13.79
CA ASP A 148 2.61 0.77 -13.51
C ASP A 148 3.31 -0.54 -13.83
N ASN A 149 3.90 -0.64 -15.03
CA ASN A 149 4.64 -1.85 -15.38
C ASN A 149 5.76 -2.13 -14.38
N ILE A 150 6.46 -1.07 -13.94
CA ILE A 150 7.55 -1.27 -13.00
C ILE A 150 7.01 -1.78 -11.66
N ARG A 151 5.84 -1.27 -11.25
CA ARG A 151 5.24 -1.76 -10.01
C ARG A 151 4.89 -3.24 -10.09
N GLU A 152 4.38 -3.69 -11.25
CA GLU A 152 4.08 -5.10 -11.40
C GLU A 152 5.34 -5.95 -11.22
N VAL A 153 6.42 -5.55 -11.88
CA VAL A 153 7.70 -6.25 -11.74
C VAL A 153 8.13 -6.28 -10.27
N VAL A 154 8.05 -5.13 -9.59
CA VAL A 154 8.49 -5.06 -8.20
C VAL A 154 7.63 -5.95 -7.32
N LYS A 155 6.33 -6.06 -7.64
CA LYS A 155 5.44 -6.91 -6.86
C LYS A 155 5.85 -8.38 -6.93
N LYS A 156 6.52 -8.79 -8.00
CA LYS A 156 6.93 -10.18 -8.16
C LYS A 156 8.42 -10.41 -7.85
N TRP A 157 9.14 -9.34 -7.50
CA TRP A 157 10.58 -9.42 -7.32
C TRP A 157 10.95 -10.38 -6.18
N GLY A 158 10.26 -10.27 -5.04
CA GLY A 158 10.56 -11.14 -3.93
C GLY A 158 10.33 -12.59 -4.26
N GLN A 159 9.23 -12.89 -4.97
CA GLN A 159 8.96 -14.25 -5.42
C GLN A 159 10.08 -14.75 -6.32
N MET A 160 10.53 -13.92 -7.28
CA MET A 160 11.60 -14.36 -8.17
C MET A 160 12.93 -14.50 -7.42
N GLU A 161 13.16 -13.71 -6.37
CA GLU A 161 14.34 -13.89 -5.54
C GLU A 161 14.19 -15.05 -4.56
N ASN A 162 12.97 -15.57 -4.39
CA ASN A 162 12.69 -16.59 -3.37
C ASN A 162 13.17 -16.12 -2.00
N SER A 163 13.02 -14.81 -1.77
CA SER A 163 13.50 -14.16 -0.55
C SER A 163 12.49 -13.11 -0.13
N THR A 164 12.45 -12.82 1.16
CA THR A 164 11.65 -11.71 1.65
C THR A 164 12.36 -10.40 1.32
N LEU A 165 11.62 -9.48 0.71
CA LEU A 165 12.19 -8.16 0.44
C LEU A 165 12.33 -7.39 1.75
N HIS A 166 13.32 -6.52 1.79
CA HIS A 166 13.54 -5.62 2.92
C HIS A 166 13.47 -4.17 2.47
N ALA A 167 13.11 -3.29 3.40
CA ALA A 167 13.00 -1.88 3.11
C ALA A 167 13.60 -1.09 4.27
N MET A 168 13.92 0.17 3.99
CA MET A 168 14.40 1.09 5.01
C MET A 168 13.91 2.48 4.65
N ALA A 169 13.14 3.07 5.57
CA ALA A 169 12.70 4.45 5.39
C ALA A 169 13.89 5.39 5.51
N CYS A 170 14.07 6.25 4.50
CA CYS A 170 15.11 7.28 4.52
C CYS A 170 14.58 8.62 5.01
N GLY A 171 13.29 8.86 4.82
CA GLY A 171 12.68 10.08 5.29
C GLY A 171 11.19 10.04 5.07
N PHE A 172 10.56 11.20 5.20
CA PHE A 172 9.11 11.30 5.06
C PHE A 172 8.76 12.59 4.35
N GLN A 173 7.89 12.47 3.34
CA GLN A 173 7.40 13.62 2.57
C GLN A 173 5.89 13.60 2.69
N GLY A 174 5.37 14.45 3.56
CA GLY A 174 3.96 14.43 3.87
C GLY A 174 3.59 13.06 4.43
N SER A 175 2.64 12.40 3.78
CA SER A 175 2.17 11.09 4.23
C SER A 175 2.95 9.93 3.60
N ILE A 176 4.01 10.23 2.86
CA ILE A 176 4.72 9.22 2.08
C ILE A 176 6.01 8.85 2.81
N ASN A 177 6.19 7.54 3.03
CA ASN A 177 7.48 7.01 3.47
C ASN A 177 8.43 6.99 2.27
N MET A 178 9.55 7.69 2.37
CA MET A 178 10.61 7.62 1.38
C MET A 178 11.50 6.43 1.74
N ILE A 179 11.59 5.45 0.86
CA ILE A 179 12.20 4.18 1.22
C ILE A 179 13.22 3.75 0.18
N ASN A 180 14.16 2.92 0.63
CA ASN A 180 14.94 2.03 -0.21
C ASN A 180 14.34 0.64 -0.12
N LEU A 181 14.27 -0.04 -1.24
CA LEU A 181 13.79 -1.42 -1.31
C LEU A 181 14.92 -2.27 -1.84
N PHE A 182 15.18 -3.41 -1.19
CA PHE A 182 16.35 -4.18 -1.57
C PHE A 182 16.19 -5.63 -1.12
N CYS A 183 16.93 -6.50 -1.80
CA CYS A 183 17.05 -7.92 -1.46
C CYS A 183 18.55 -8.21 -1.44
N GLY A 184 19.12 -8.27 -0.24
CA GLY A 184 20.57 -8.38 -0.14
C GLY A 184 21.23 -7.17 -0.75
N LYS A 185 22.19 -7.41 -1.64
CA LYS A 185 22.89 -6.32 -2.31
C LYS A 185 22.15 -5.79 -3.54
N SER A 186 20.99 -6.36 -3.87
CA SER A 186 20.21 -5.93 -5.02
C SER A 186 19.27 -4.81 -4.58
N ILE A 187 19.61 -3.58 -4.94
CA ILE A 187 18.90 -2.38 -4.50
C ILE A 187 18.11 -1.82 -5.67
N LEU A 188 16.82 -1.55 -5.44
CA LEU A 188 15.93 -1.21 -6.54
C LEU A 188 16.38 0.07 -7.25
N ALA A 189 16.66 1.13 -6.48
CA ALA A 189 17.06 2.39 -7.09
C ALA A 189 18.34 2.21 -7.90
N ASP A 190 19.27 1.39 -7.42
CA ASP A 190 20.51 1.18 -8.16
C ASP A 190 20.26 0.48 -9.49
N ARG A 191 19.37 -0.51 -9.50
CA ARG A 191 19.12 -1.25 -10.75
C ARG A 191 18.33 -0.41 -11.75
N LEU A 192 17.44 0.46 -11.26
CA LEU A 192 16.73 1.37 -12.15
C LEU A 192 17.68 2.43 -12.71
N GLN A 193 18.40 3.12 -11.83
CA GLN A 193 19.40 4.09 -12.25
C GLN A 193 20.36 3.48 -13.28
N ARG A 194 20.68 2.19 -13.13
CA ARG A 194 21.58 1.54 -14.07
C ARG A 194 20.98 1.43 -15.47
N LYS A 195 19.66 1.43 -15.58
CA LYS A 195 18.99 1.38 -16.87
C LYS A 195 18.79 2.75 -17.50
N GLY A 196 19.30 3.80 -16.87
CA GLY A 196 19.25 5.13 -17.46
C GLY A 196 17.88 5.75 -17.51
N VAL A 197 16.86 5.12 -16.92
CA VAL A 197 15.53 5.71 -16.89
C VAL A 197 15.36 6.71 -15.76
N CYS A 198 16.34 6.81 -14.86
CA CYS A 198 16.32 7.80 -13.79
C CYS A 198 17.74 8.05 -13.34
N GLU A 199 17.92 9.12 -12.59
CA GLU A 199 19.23 9.51 -12.06
C GLU A 199 19.07 9.84 -10.57
N TYR A 200 20.17 9.71 -9.85
CA TYR A 200 20.17 10.05 -8.43
C TYR A 200 19.98 11.55 -8.26
N LEU A 201 19.31 11.93 -7.17
CA LEU A 201 19.16 13.33 -6.80
C LEU A 201 20.51 13.86 -6.32
N GLU B 9 24.40 -9.15 -15.32
CA GLU B 9 23.01 -8.72 -15.32
C GLU B 9 22.21 -9.49 -14.26
N SER B 10 21.74 -8.78 -13.25
CA SER B 10 21.08 -9.40 -12.11
C SER B 10 19.73 -9.99 -12.53
N LEU B 11 19.08 -10.64 -11.57
CA LEU B 11 17.70 -11.08 -11.76
C LEU B 11 16.78 -9.89 -11.96
N LEU B 12 16.84 -8.92 -11.04
CA LEU B 12 15.93 -7.77 -11.11
C LEU B 12 16.11 -6.99 -12.41
N ASP B 13 17.35 -6.90 -12.90
CA ASP B 13 17.60 -6.32 -14.21
C ASP B 13 16.63 -6.88 -15.25
N ALA B 14 16.62 -8.21 -15.38
CA ALA B 14 15.77 -8.85 -16.36
C ALA B 14 14.30 -8.47 -16.16
N LEU B 15 13.84 -8.51 -14.92
CA LEU B 15 12.47 -8.08 -14.64
C LEU B 15 12.24 -6.65 -15.13
N LEU B 16 13.11 -5.73 -14.73
CA LEU B 16 12.93 -4.34 -15.11
C LEU B 16 13.05 -4.15 -16.62
N GLY B 17 13.91 -4.93 -17.26
CA GLY B 17 14.03 -4.82 -18.71
C GLY B 17 12.74 -5.09 -19.45
N LYS B 18 11.97 -6.08 -19.00
CA LYS B 18 10.71 -6.37 -19.66
C LYS B 18 9.69 -5.28 -19.42
N ALA B 19 9.62 -4.76 -18.18
CA ALA B 19 8.69 -3.68 -17.90
C ALA B 19 8.95 -2.46 -18.78
N LEU B 20 10.21 -2.21 -19.13
CA LEU B 20 10.58 -1.02 -19.88
C LEU B 20 10.56 -1.28 -21.38
#